data_2LQY
#
_entry.id   2LQY
#
_entity_poly.entity_id   1
_entity_poly.type   'polypeptide(L)'
_entity_poly.pdbx_seq_one_letter_code
;HGLASTLTRWAHYNALIRAF
;
_entity_poly.pdbx_strand_id   A
#
# COMPACT_ATOMS: atom_id res chain seq x y z
N HIS A 1 0.08 14.56 -1.66
CA HIS A 1 0.88 15.24 -0.61
C HIS A 1 2.28 14.62 -0.40
N GLY A 2 2.27 13.36 0.07
CA GLY A 2 3.50 12.57 0.29
C GLY A 2 3.11 11.18 0.82
N LEU A 3 3.00 11.13 2.15
CA LEU A 3 2.61 9.92 2.90
C LEU A 3 1.19 9.41 2.59
N ALA A 4 0.27 10.34 2.39
CA ALA A 4 -1.12 10.07 1.97
C ALA A 4 -1.20 9.25 0.66
N SER A 5 -0.14 9.36 -0.14
CA SER A 5 0.05 8.63 -1.40
C SER A 5 1.05 7.47 -1.26
N THR A 6 1.96 7.55 -0.29
CA THR A 6 2.87 6.44 0.11
C THR A 6 2.10 5.16 0.51
N LEU A 7 0.87 5.35 0.98
CA LEU A 7 -0.07 4.25 1.27
C LEU A 7 -0.98 3.89 0.08
N THR A 8 -0.71 4.47 -1.08
CA THR A 8 -1.43 4.22 -2.35
C THR A 8 -0.54 3.38 -3.31
N ARG A 9 0.74 3.25 -2.96
CA ARG A 9 1.71 2.44 -3.72
C ARG A 9 2.08 1.14 -2.99
N TRP A 10 2.54 1.24 -1.75
CA TRP A 10 2.77 0.05 -0.89
C TRP A 10 1.50 -0.82 -0.72
N ALA A 11 0.33 -0.19 -0.78
CA ALA A 11 -0.98 -0.87 -0.78
C ALA A 11 -1.32 -1.63 -2.09
N HIS A 12 -0.40 -1.56 -3.05
CA HIS A 12 -0.43 -2.29 -4.33
C HIS A 12 0.56 -3.47 -4.34
N TYR A 13 1.42 -3.52 -3.32
CA TYR A 13 2.49 -4.53 -3.19
C TYR A 13 2.04 -5.71 -2.31
N ASN A 14 1.86 -5.42 -1.02
CA ASN A 14 1.27 -6.37 -0.06
C ASN A 14 -0.17 -6.75 -0.42
N ALA A 15 -0.79 -6.07 -1.38
CA ALA A 15 -2.12 -6.45 -1.90
C ALA A 15 -2.21 -7.94 -2.30
N LEU A 16 -1.06 -8.49 -2.66
CA LEU A 16 -0.88 -9.94 -2.99
C LEU A 16 -0.19 -10.73 -1.87
N ILE A 17 0.67 -10.07 -1.10
CA ILE A 17 1.37 -10.64 0.08
C ILE A 17 0.48 -10.57 1.36
N ARG A 18 -0.79 -10.22 1.18
CA ARG A 18 -1.79 -10.13 2.26
C ARG A 18 -2.55 -11.47 2.34
N ALA A 19 -2.88 -11.79 3.58
CA ALA A 19 -3.66 -12.99 3.92
C ALA A 19 -4.96 -12.64 4.65
N PHE A 20 -4.80 -11.93 5.76
CA PHE A 20 -5.93 -11.49 6.61
C PHE A 20 -6.12 -9.97 6.58
N HIS A 1 -0.99 16.79 0.35
CA HIS A 1 -0.88 15.50 -0.34
C HIS A 1 0.59 14.99 -0.33
N GLY A 2 0.74 13.75 0.16
CA GLY A 2 2.06 13.11 0.30
C GLY A 2 1.94 11.70 0.88
N LEU A 3 1.86 11.64 2.20
CA LEU A 3 1.65 10.38 2.94
C LEU A 3 0.30 9.72 2.65
N ALA A 4 -0.74 10.54 2.47
CA ALA A 4 -2.08 10.07 2.06
C ALA A 4 -2.06 9.25 0.75
N SER A 5 -1.03 9.52 -0.06
CA SER A 5 -0.75 8.83 -1.34
C SER A 5 0.28 7.70 -1.17
N THR A 6 1.16 7.80 -0.16
CA THR A 6 2.13 6.73 0.19
C THR A 6 1.43 5.40 0.55
N LEU A 7 0.21 5.55 1.06
CA LEU A 7 -0.70 4.43 1.39
C LEU A 7 -1.61 4.03 0.23
N THR A 8 -1.40 4.64 -0.93
CA THR A 8 -2.12 4.37 -2.19
C THR A 8 -1.18 3.64 -3.18
N ARG A 9 0.10 3.54 -2.84
CA ARG A 9 1.07 2.78 -3.66
C ARG A 9 1.48 1.46 -2.98
N TRP A 10 1.90 1.52 -1.71
CA TRP A 10 2.19 0.31 -0.92
C TRP A 10 0.96 -0.61 -0.77
N ALA A 11 -0.23 0.02 -0.81
CA ALA A 11 -1.53 -0.70 -0.82
C ALA A 11 -1.84 -1.39 -2.16
N HIS A 12 -0.91 -1.32 -3.11
CA HIS A 12 -1.01 -2.01 -4.41
C HIS A 12 -0.03 -3.21 -4.49
N TYR A 13 0.58 -3.51 -3.35
CA TYR A 13 1.57 -4.59 -3.17
C TYR A 13 1.05 -5.63 -2.17
N ASN A 14 1.11 -5.27 -0.89
CA ASN A 14 0.57 -6.09 0.22
C ASN A 14 -0.91 -6.45 0.02
N ALA A 15 -1.64 -5.67 -0.78
CA ALA A 15 -3.04 -6.01 -1.13
C ALA A 15 -3.17 -7.43 -1.71
N LEU A 16 -2.21 -7.79 -2.57
CA LEU A 16 -2.12 -9.13 -3.18
C LEU A 16 -0.94 -9.98 -2.67
N ILE A 17 0.08 -9.30 -2.13
CA ILE A 17 1.24 -9.93 -1.47
C ILE A 17 0.96 -10.17 0.03
N ARG A 18 -0.32 -10.02 0.43
CA ARG A 18 -0.79 -10.31 1.80
C ARG A 18 -0.68 -11.80 2.09
N ALA A 19 -0.44 -12.06 3.38
CA ALA A 19 -0.33 -13.41 3.94
C ALA A 19 -0.24 -13.36 5.47
N PHE A 20 0.74 -12.60 5.95
CA PHE A 20 1.02 -12.46 7.39
C PHE A 20 1.29 -11.00 7.83
N HIS A 1 -0.09 16.29 0.99
CA HIS A 1 0.14 15.30 -0.07
C HIS A 1 1.58 14.74 -0.07
N GLY A 2 1.68 13.51 0.45
CA GLY A 2 2.97 12.80 0.59
C GLY A 2 2.78 11.40 1.18
N LEU A 3 2.69 11.36 2.51
CA LEU A 3 2.43 10.11 3.25
C LEU A 3 1.04 9.49 2.97
N ALA A 4 0.04 10.34 2.78
CA ALA A 4 -1.32 9.91 2.38
C ALA A 4 -1.31 9.09 1.07
N SER A 5 -0.28 9.33 0.26
CA SER A 5 -0.02 8.63 -1.01
C SER A 5 0.99 7.48 -0.85
N THR A 6 1.85 7.54 0.16
CA THR A 6 2.80 6.45 0.52
C THR A 6 2.06 5.14 0.87
N LEU A 7 0.84 5.32 1.38
CA LEU A 7 -0.09 4.23 1.72
C LEU A 7 -1.03 3.86 0.55
N THR A 8 -0.78 4.45 -0.62
CA THR A 8 -1.53 4.18 -1.87
C THR A 8 -0.67 3.34 -2.85
N ARG A 9 0.63 3.23 -2.54
CA ARG A 9 1.60 2.43 -3.30
C ARG A 9 1.98 1.12 -2.59
N TRP A 10 2.40 1.21 -1.33
CA TRP A 10 2.66 0.02 -0.49
C TRP A 10 1.41 -0.87 -0.32
N ALA A 11 0.24 -0.22 -0.35
CA ALA A 11 -1.08 -0.90 -0.33
C ALA A 11 -1.43 -1.65 -1.63
N HIS A 12 -0.53 -1.57 -2.62
CA HIS A 12 -0.61 -2.31 -3.88
C HIS A 12 0.47 -3.41 -3.98
N TYR A 13 1.12 -3.67 -2.85
CA TYR A 13 2.15 -4.72 -2.70
C TYR A 13 1.71 -5.83 -1.75
N ASN A 14 1.55 -5.45 -0.49
CA ASN A 14 1.00 -6.34 0.56
C ASN A 14 -0.38 -6.87 0.15
N ALA A 15 -1.09 -6.22 -0.76
CA ALA A 15 -2.39 -6.71 -1.27
C ALA A 15 -2.32 -8.17 -1.76
N LEU A 16 -1.23 -8.49 -2.44
CA LEU A 16 -0.92 -9.86 -2.92
C LEU A 16 0.23 -10.51 -2.13
N ILE A 17 1.15 -9.68 -1.61
CA ILE A 17 2.26 -10.14 -0.74
C ILE A 17 1.80 -10.29 0.73
N ARG A 18 0.48 -10.28 0.96
CA ARG A 18 -0.10 -10.52 2.29
C ARG A 18 0.05 -11.99 2.72
N ALA A 19 -0.51 -12.26 3.89
CA ALA A 19 -0.56 -13.61 4.47
C ALA A 19 -1.88 -13.84 5.24
N PHE A 20 -2.97 -13.34 4.66
CA PHE A 20 -4.31 -13.48 5.25
C PHE A 20 -5.05 -14.74 4.74
N HIS A 1 -0.08 14.03 -1.93
CA HIS A 1 0.64 14.69 -0.82
C HIS A 1 2.07 14.12 -0.62
N GLY A 2 2.12 12.88 -0.12
CA GLY A 2 3.38 12.14 0.09
C GLY A 2 3.07 10.74 0.65
N LEU A 3 2.98 10.71 1.97
CA LEU A 3 2.65 9.48 2.74
C LEU A 3 1.25 8.92 2.46
N ALA A 4 0.29 9.82 2.26
CA ALA A 4 -1.10 9.48 1.87
C ALA A 4 -1.17 8.66 0.56
N SER A 5 -0.12 8.82 -0.25
CA SER A 5 0.10 8.08 -1.51
C SER A 5 1.09 6.91 -1.34
N THR A 6 2.00 7.02 -0.38
CA THR A 6 2.93 5.94 0.02
C THR A 6 2.17 4.65 0.42
N LEU A 7 0.94 4.81 0.92
CA LEU A 7 0.04 3.67 1.20
C LEU A 7 -0.79 3.23 -0.02
N THR A 8 -0.62 3.90 -1.15
CA THR A 8 -1.32 3.61 -2.43
C THR A 8 -0.41 2.81 -3.39
N ARG A 9 0.89 2.76 -3.07
CA ARG A 9 1.89 1.98 -3.83
C ARG A 9 2.26 0.66 -3.15
N TRP A 10 2.68 0.73 -1.88
CA TRP A 10 2.91 -0.48 -1.06
C TRP A 10 1.66 -1.39 -0.98
N ALA A 11 0.48 -0.76 -1.03
CA ALA A 11 -0.82 -1.47 -1.10
C ALA A 11 -1.10 -2.19 -2.42
N HIS A 12 -0.17 -2.06 -3.36
CA HIS A 12 -0.18 -2.77 -4.66
C HIS A 12 0.90 -3.85 -4.76
N TYR A 13 1.49 -4.17 -3.61
CA TYR A 13 2.54 -5.20 -3.48
C TYR A 13 2.07 -6.35 -2.56
N ASN A 14 1.97 -6.02 -1.27
CA ASN A 14 1.41 -6.92 -0.24
C ASN A 14 -0.05 -7.30 -0.52
N ALA A 15 -0.71 -6.62 -1.45
CA ALA A 15 -2.08 -6.94 -1.91
C ALA A 15 -2.25 -8.44 -2.27
N LEU A 16 -1.13 -9.06 -2.63
CA LEU A 16 -1.01 -10.50 -2.91
C LEU A 16 -0.30 -11.28 -1.78
N ILE A 17 0.61 -10.62 -1.07
CA ILE A 17 1.34 -11.17 0.10
C ILE A 17 0.51 -11.03 1.41
N ARG A 18 -0.76 -10.66 1.28
CA ARG A 18 -1.71 -10.39 2.37
C ARG A 18 -3.14 -10.32 1.84
N ALA A 19 -4.07 -10.68 2.73
CA ALA A 19 -5.52 -10.70 2.43
C ALA A 19 -6.32 -10.00 3.54
N PHE A 20 -5.89 -8.77 3.84
CA PHE A 20 -6.53 -7.89 4.84
C PHE A 20 -7.89 -7.35 4.37
N HIS A 1 0.23 14.32 -1.51
CA HIS A 1 1.04 14.99 -0.49
C HIS A 1 2.44 14.34 -0.27
N GLY A 2 2.40 13.09 0.20
CA GLY A 2 3.62 12.27 0.43
C GLY A 2 3.19 10.88 0.93
N LEU A 3 3.07 10.81 2.26
CA LEU A 3 2.66 9.59 2.99
C LEU A 3 1.23 9.10 2.66
N ALA A 4 0.33 10.06 2.45
CA ALA A 4 -1.06 9.82 2.02
C ALA A 4 -1.13 9.02 0.70
N SER A 5 -0.06 9.12 -0.09
CA SER A 5 0.13 8.41 -1.36
C SER A 5 1.13 7.23 -1.23
N THR A 6 2.03 7.29 -0.24
CA THR A 6 2.93 6.18 0.15
C THR A 6 2.16 4.90 0.51
N LEU A 7 0.91 5.08 0.97
CA LEU A 7 -0.04 3.98 1.24
C LEU A 7 -0.94 3.63 0.05
N THR A 8 -0.67 4.24 -1.11
CA THR A 8 -1.36 4.01 -2.39
C THR A 8 -0.47 3.18 -3.35
N ARG A 9 0.82 3.05 -2.99
CA ARG A 9 1.79 2.24 -3.74
C ARG A 9 2.15 0.92 -3.04
N TRP A 10 2.59 0.99 -1.79
CA TRP A 10 2.80 -0.21 -0.95
C TRP A 10 1.53 -1.08 -0.81
N ALA A 11 0.36 -0.42 -0.87
CA ALA A 11 -0.95 -1.10 -0.88
C ALA A 11 -1.28 -1.81 -2.21
N HIS A 12 -0.36 -1.74 -3.15
CA HIS A 12 -0.42 -2.46 -4.44
C HIS A 12 0.64 -3.58 -4.54
N TYR A 13 1.23 -3.91 -3.40
CA TYR A 13 2.28 -4.94 -3.28
C TYR A 13 1.85 -6.05 -2.32
N ASN A 14 1.68 -5.65 -1.05
CA ASN A 14 1.14 -6.52 0.01
C ASN A 14 -0.25 -7.08 -0.29
N ALA A 15 -0.94 -6.51 -1.28
CA ALA A 15 -2.19 -7.05 -1.83
C ALA A 15 -2.08 -8.54 -2.23
N LEU A 16 -0.86 -8.95 -2.57
CA LEU A 16 -0.50 -10.37 -2.85
C LEU A 16 0.23 -11.06 -1.68
N ILE A 17 1.00 -10.29 -0.91
CA ILE A 17 1.72 -10.77 0.29
C ILE A 17 0.82 -10.74 1.55
N ARG A 18 -0.50 -10.62 1.32
CA ARG A 18 -1.58 -10.59 2.33
C ARG A 18 -1.64 -9.27 3.12
N ALA A 19 -2.67 -8.47 2.82
CA ALA A 19 -2.90 -7.15 3.43
C ALA A 19 -4.31 -7.03 4.04
N PHE A 20 -4.54 -7.86 5.08
CA PHE A 20 -5.86 -7.94 5.74
C PHE A 20 -5.79 -8.45 7.19
N HIS A 1 0.16 16.39 1.02
CA HIS A 1 0.34 15.27 0.08
C HIS A 1 1.77 14.68 0.10
N GLY A 2 1.86 13.45 0.58
CA GLY A 2 3.15 12.74 0.73
C GLY A 2 2.95 11.32 1.27
N LEU A 3 2.82 11.23 2.60
CA LEU A 3 2.54 9.97 3.29
C LEU A 3 1.16 9.36 2.96
N ALA A 4 0.17 10.23 2.77
CA ALA A 4 -1.18 9.83 2.30
C ALA A 4 -1.15 9.06 0.96
N SER A 5 -0.08 9.31 0.20
CA SER A 5 0.21 8.62 -1.08
C SER A 5 1.22 7.46 -0.92
N THR A 6 2.05 7.50 0.12
CA THR A 6 2.97 6.40 0.48
C THR A 6 2.21 5.09 0.78
N LEU A 7 0.99 5.25 1.27
CA LEU A 7 0.07 4.13 1.53
C LEU A 7 -0.81 3.78 0.31
N THR A 8 -0.56 4.43 -0.82
CA THR A 8 -1.29 4.21 -2.09
C THR A 8 -0.42 3.40 -3.07
N ARG A 9 0.87 3.27 -2.75
CA ARG A 9 1.81 2.44 -3.53
C ARG A 9 2.18 1.14 -2.78
N TRP A 10 2.62 1.25 -1.52
CA TRP A 10 2.88 0.05 -0.70
C TRP A 10 1.64 -0.85 -0.53
N ALA A 11 0.45 -0.23 -0.57
CA ALA A 11 -0.85 -0.92 -0.57
C ALA A 11 -1.18 -1.64 -1.88
N HIS A 12 -0.27 -1.55 -2.85
CA HIS A 12 -0.35 -2.28 -4.14
C HIS A 12 0.75 -3.36 -4.25
N TYR A 13 1.36 -3.67 -3.11
CA TYR A 13 2.43 -4.68 -3.00
C TYR A 13 2.01 -5.82 -2.06
N ASN A 14 1.85 -5.47 -0.78
CA ASN A 14 1.31 -6.40 0.24
C ASN A 14 -0.12 -6.88 -0.10
N ALA A 15 -0.79 -6.23 -1.04
CA ALA A 15 -2.13 -6.64 -1.53
C ALA A 15 -2.21 -8.13 -1.88
N LEU A 16 -1.04 -8.69 -2.23
CA LEU A 16 -0.87 -10.13 -2.50
C LEU A 16 -0.15 -10.86 -1.34
N ILE A 17 0.75 -10.16 -0.64
CA ILE A 17 1.47 -10.67 0.55
C ILE A 17 0.60 -10.53 1.83
N ARG A 18 -0.69 -10.24 1.65
CA ARG A 18 -1.65 -10.02 2.76
C ARG A 18 -1.81 -11.31 3.57
N ALA A 19 -1.91 -12.43 2.85
CA ALA A 19 -2.06 -13.79 3.40
C ALA A 19 -3.10 -13.83 4.54
N PHE A 20 -4.30 -13.44 4.14
CA PHE A 20 -5.45 -13.31 5.05
C PHE A 20 -6.58 -14.31 4.75
N HIS A 1 -0.59 14.96 1.39
CA HIS A 1 -0.02 14.80 0.03
C HIS A 1 1.45 14.35 0.05
N GLY A 2 1.61 13.10 0.50
CA GLY A 2 2.93 12.45 0.67
C GLY A 2 2.78 11.02 1.20
N LEU A 3 2.70 10.92 2.52
CA LEU A 3 2.48 9.63 3.20
C LEU A 3 1.11 8.98 2.91
N ALA A 4 0.09 9.82 2.72
CA ALA A 4 -1.26 9.36 2.28
C ALA A 4 -1.22 8.59 0.96
N SER A 5 -0.19 8.87 0.16
CA SER A 5 0.12 8.19 -1.12
C SER A 5 1.13 7.04 -0.94
N THR A 6 1.98 7.10 0.09
CA THR A 6 2.93 6.02 0.44
C THR A 6 2.21 4.69 0.75
N LEU A 7 0.98 4.84 1.25
CA LEU A 7 0.02 3.74 1.49
C LEU A 7 -0.82 3.38 0.24
N THR A 8 -0.60 4.06 -0.87
CA THR A 8 -1.30 3.79 -2.14
C THR A 8 -0.43 2.96 -3.10
N ARG A 9 0.85 2.84 -2.76
CA ARG A 9 1.86 2.05 -3.52
C ARG A 9 2.24 0.75 -2.83
N TRP A 10 2.65 0.84 -1.56
CA TRP A 10 2.93 -0.37 -0.74
C TRP A 10 1.69 -1.27 -0.57
N ALA A 11 0.51 -0.65 -0.61
CA ALA A 11 -0.79 -1.36 -0.62
C ALA A 11 -1.12 -2.07 -1.95
N HIS A 12 -0.20 -1.97 -2.90
CA HIS A 12 -0.27 -2.67 -4.20
C HIS A 12 0.78 -3.81 -4.30
N TYR A 13 1.43 -4.09 -3.17
CA TYR A 13 2.44 -5.15 -3.02
C TYR A 13 1.95 -6.27 -2.10
N ASN A 14 1.82 -5.90 -0.83
CA ASN A 14 1.29 -6.81 0.22
C ASN A 14 -0.19 -7.17 -0.02
N ALA A 15 -0.83 -6.48 -0.96
CA ALA A 15 -2.19 -6.83 -1.44
C ALA A 15 -2.32 -8.31 -1.84
N LEU A 16 -1.19 -8.90 -2.26
CA LEU A 16 -1.09 -10.34 -2.58
C LEU A 16 -0.39 -11.16 -1.47
N ILE A 17 0.54 -10.52 -0.74
CA ILE A 17 1.28 -11.14 0.38
C ILE A 17 0.49 -11.05 1.72
N ARG A 18 -0.80 -10.70 1.63
CA ARG A 18 -1.75 -10.49 2.76
C ARG A 18 -1.48 -9.16 3.49
N ALA A 19 -2.14 -8.11 3.00
CA ALA A 19 -2.06 -6.77 3.61
C ALA A 19 -3.03 -6.64 4.80
N PHE A 20 -4.33 -6.68 4.47
CA PHE A 20 -5.39 -6.55 5.48
C PHE A 20 -6.58 -7.49 5.22
N HIS A 1 -1.30 14.70 -1.68
CA HIS A 1 -0.54 15.46 -0.66
C HIS A 1 0.90 14.95 -0.47
N GLY A 2 1.00 13.70 0.01
CA GLY A 2 2.29 12.99 0.18
C GLY A 2 2.04 11.59 0.75
N LEU A 3 2.04 11.55 2.09
CA LEU A 3 1.79 10.32 2.88
C LEU A 3 0.38 9.73 2.68
N ALA A 4 -0.60 10.62 2.50
CA ALA A 4 -2.00 10.26 2.18
C ALA A 4 -2.12 9.40 0.91
N SER A 5 -1.12 9.55 0.04
CA SER A 5 -0.97 8.78 -1.21
C SER A 5 0.08 7.66 -1.10
N THR A 6 1.03 7.80 -0.18
CA THR A 6 2.00 6.75 0.21
C THR A 6 1.29 5.46 0.69
N LEU A 7 0.09 5.61 1.24
CA LEU A 7 -0.76 4.46 1.60
C LEU A 7 -1.68 3.99 0.46
N THR A 8 -1.54 4.60 -0.71
CA THR A 8 -2.32 4.27 -1.94
C THR A 8 -1.46 3.44 -2.91
N ARG A 9 -0.16 3.38 -2.66
CA ARG A 9 0.81 2.57 -3.43
C ARG A 9 1.25 1.30 -2.69
N TRP A 10 1.70 1.45 -1.45
CA TRP A 10 2.03 0.29 -0.59
C TRP A 10 0.82 -0.62 -0.34
N ALA A 11 -0.38 -0.01 -0.37
CA ALA A 11 -1.66 -0.74 -0.30
C ALA A 11 -2.02 -1.55 -1.57
N HIS A 12 -1.15 -1.47 -2.57
CA HIS A 12 -1.21 -2.24 -3.83
C HIS A 12 -0.19 -3.40 -3.84
N TYR A 13 0.73 -3.40 -2.87
CA TYR A 13 1.80 -4.40 -2.72
C TYR A 13 1.27 -5.67 -2.04
N ASN A 14 1.04 -5.54 -0.73
CA ASN A 14 0.40 -6.58 0.09
C ASN A 14 -1.07 -6.85 -0.27
N ALA A 15 -1.66 -6.02 -1.14
CA ALA A 15 -3.01 -6.24 -1.68
C ALA A 15 -3.19 -7.65 -2.29
N LEU A 16 -2.07 -8.21 -2.77
CA LEU A 16 -1.99 -9.59 -3.27
C LEU A 16 -1.32 -10.57 -2.29
N ILE A 17 -0.38 -10.07 -1.48
CA ILE A 17 0.30 -10.85 -0.42
C ILE A 17 -0.57 -10.94 0.87
N ARG A 18 -1.82 -10.50 0.76
CA ARG A 18 -2.87 -10.43 1.80
C ARG A 18 -2.54 -9.42 2.92
N ALA A 19 -1.46 -9.70 3.59
CA ALA A 19 -0.89 -8.91 4.72
C ALA A 19 0.44 -9.59 5.06
N PHE A 20 0.37 -10.77 5.66
CA PHE A 20 1.53 -11.55 6.16
C PHE A 20 2.46 -10.70 7.04
N HIS A 1 0.22 16.00 0.60
CA HIS A 1 0.68 15.62 -0.74
C HIS A 1 2.08 14.94 -0.74
N GLY A 2 2.07 13.75 -0.13
CA GLY A 2 3.29 12.94 0.08
C GLY A 2 2.93 11.63 0.77
N LEU A 3 2.90 11.68 2.10
CA LEU A 3 2.55 10.53 2.96
C LEU A 3 1.12 10.00 2.77
N ALA A 4 0.19 10.93 2.54
CA ALA A 4 -1.22 10.62 2.20
C ALA A 4 -1.37 9.72 0.96
N SER A 5 -0.34 9.76 0.11
CA SER A 5 -0.20 8.94 -1.10
C SER A 5 0.80 7.78 -0.91
N THR A 6 1.76 7.94 0.00
CA THR A 6 2.70 6.88 0.42
C THR A 6 1.96 5.62 0.95
N LEU A 7 0.76 5.84 1.48
CA LEU A 7 -0.17 4.75 1.87
C LEU A 7 -1.10 4.25 0.77
N THR A 8 -0.93 4.80 -0.43
CA THR A 8 -1.69 4.45 -1.66
C THR A 8 -0.80 3.63 -2.62
N ARG A 9 0.50 3.62 -2.36
CA ARG A 9 1.50 2.82 -3.11
C ARG A 9 1.84 1.47 -2.46
N TRP A 10 2.21 1.51 -1.18
CA TRP A 10 2.44 0.30 -0.39
C TRP A 10 1.18 -0.59 -0.28
N ALA A 11 0.03 0.08 -0.34
CA ALA A 11 -1.32 -0.56 -0.42
C ALA A 11 -1.59 -1.29 -1.75
N HIS A 12 -0.64 -1.18 -2.68
CA HIS A 12 -0.65 -1.89 -3.98
C HIS A 12 0.42 -2.99 -4.07
N TYR A 13 1.01 -3.31 -2.92
CA TYR A 13 2.03 -4.36 -2.76
C TYR A 13 1.55 -5.52 -1.88
N ASN A 14 1.30 -5.20 -0.61
CA ASN A 14 0.73 -6.15 0.36
C ASN A 14 -0.61 -6.75 -0.12
N ALA A 15 -1.27 -6.10 -1.07
CA ALA A 15 -2.46 -6.64 -1.76
C ALA A 15 -2.26 -8.07 -2.31
N LEU A 16 -1.00 -8.40 -2.63
CA LEU A 16 -0.56 -9.75 -3.04
C LEU A 16 0.13 -10.56 -1.93
N ILE A 17 0.78 -9.85 -1.00
CA ILE A 17 1.48 -10.45 0.17
C ILE A 17 0.51 -10.64 1.36
N ARG A 18 -0.78 -10.47 1.11
CA ARG A 18 -1.87 -10.62 2.09
C ARG A 18 -2.91 -11.57 1.50
N ALA A 19 -3.30 -12.50 2.36
CA ALA A 19 -4.32 -13.54 2.06
C ALA A 19 -4.63 -14.36 3.32
N PHE A 20 -3.57 -14.89 3.92
CA PHE A 20 -3.63 -15.70 5.15
C PHE A 20 -3.30 -14.85 6.38
N HIS A 1 -0.67 15.64 1.11
CA HIS A 1 -0.21 15.15 -0.20
C HIS A 1 1.29 14.73 -0.19
N GLY A 2 1.49 13.47 0.23
CA GLY A 2 2.82 12.87 0.39
C GLY A 2 2.73 11.42 0.90
N LEU A 3 2.73 11.29 2.22
CA LEU A 3 2.56 9.97 2.88
C LEU A 3 1.20 9.31 2.62
N ALA A 4 0.16 10.14 2.46
CA ALA A 4 -1.19 9.67 2.06
C ALA A 4 -1.17 8.89 0.73
N SER A 5 -0.18 9.19 -0.10
CA SER A 5 0.09 8.50 -1.37
C SER A 5 1.12 7.35 -1.23
N THR A 6 1.99 7.43 -0.21
CA THR A 6 2.94 6.34 0.13
C THR A 6 2.21 5.03 0.46
N LEU A 7 0.99 5.17 0.98
CA LEU A 7 0.10 4.04 1.28
C LEU A 7 -0.78 3.64 0.07
N THR A 8 -0.61 4.31 -1.08
CA THR A 8 -1.34 4.04 -2.32
C THR A 8 -0.48 3.22 -3.31
N ARG A 9 0.82 3.13 -2.99
CA ARG A 9 1.82 2.37 -3.75
C ARG A 9 2.23 1.07 -3.06
N TRP A 10 2.65 1.17 -1.80
CA TRP A 10 2.94 -0.02 -0.97
C TRP A 10 1.71 -0.94 -0.79
N ALA A 11 0.52 -0.33 -0.79
CA ALA A 11 -0.77 -1.07 -0.77
C ALA A 11 -1.11 -1.81 -2.07
N HIS A 12 -0.22 -1.70 -3.06
CA HIS A 12 -0.30 -2.44 -4.33
C HIS A 12 0.78 -3.53 -4.45
N TYR A 13 1.39 -3.85 -3.31
CA TYR A 13 2.43 -4.90 -3.16
C TYR A 13 1.94 -6.07 -2.30
N ASN A 14 1.76 -5.76 -1.02
CA ASN A 14 1.19 -6.68 -0.01
C ASN A 14 -0.25 -7.09 -0.32
N ALA A 15 -0.87 -6.43 -1.31
CA ALA A 15 -2.19 -6.79 -1.86
C ALA A 15 -2.25 -8.28 -2.27
N LEU A 16 -1.09 -8.83 -2.62
CA LEU A 16 -0.91 -10.26 -2.93
C LEU A 16 -0.22 -11.05 -1.80
N ILE A 17 0.64 -10.37 -1.04
CA ILE A 17 1.33 -10.95 0.13
C ILE A 17 0.43 -10.95 1.39
N ARG A 18 -0.85 -10.60 1.23
CA ARG A 18 -1.85 -10.41 2.32
C ARG A 18 -1.39 -9.36 3.34
N ALA A 19 -2.09 -8.23 3.37
CA ALA A 19 -1.84 -7.17 4.37
C ALA A 19 -1.89 -7.71 5.81
N PHE A 20 -2.93 -8.51 6.07
CA PHE A 20 -3.17 -9.14 7.38
C PHE A 20 -2.72 -10.61 7.36
N HIS A 1 -0.66 16.60 1.00
CA HIS A 1 -0.37 15.60 -0.04
C HIS A 1 1.08 15.07 0.01
N GLY A 2 1.20 13.83 0.51
CA GLY A 2 2.51 13.17 0.67
C GLY A 2 2.36 11.75 1.24
N LEU A 3 2.31 11.69 2.57
CA LEU A 3 2.09 10.42 3.30
C LEU A 3 0.70 9.79 3.02
N ALA A 4 -0.30 10.64 2.82
CA ALA A 4 -1.65 10.21 2.41
C ALA A 4 -1.65 9.38 1.10
N SER A 5 -0.60 9.61 0.30
CA SER A 5 -0.36 8.89 -0.97
C SER A 5 0.66 7.74 -0.79
N THR A 6 1.51 7.82 0.24
CA THR A 6 2.44 6.73 0.62
C THR A 6 1.69 5.43 0.99
N LEU A 7 0.47 5.62 1.50
CA LEU A 7 -0.44 4.50 1.83
C LEU A 7 -1.32 4.07 0.64
N THR A 8 -1.13 4.69 -0.51
CA THR A 8 -1.86 4.41 -1.76
C THR A 8 -0.99 3.59 -2.74
N ARG A 9 0.30 3.51 -2.44
CA ARG A 9 1.31 2.73 -3.18
C ARG A 9 1.65 1.39 -2.49
N TRP A 10 2.02 1.46 -1.22
CA TRP A 10 2.24 0.24 -0.40
C TRP A 10 0.98 -0.64 -0.28
N ALA A 11 -0.19 0.01 -0.34
CA ALA A 11 -1.51 -0.65 -0.38
C ALA A 11 -1.81 -1.40 -1.70
N HIS A 12 -0.87 -1.30 -2.64
CA HIS A 12 -0.89 -2.02 -3.93
C HIS A 12 0.10 -3.21 -3.95
N TYR A 13 0.91 -3.31 -2.89
CA TYR A 13 1.98 -4.32 -2.77
C TYR A 13 1.53 -5.48 -1.87
N ASN A 14 1.32 -5.16 -0.59
CA ASN A 14 0.70 -6.07 0.38
C ASN A 14 -0.71 -6.53 -0.03
N ALA A 15 -1.33 -5.87 -1.01
CA ALA A 15 -2.64 -6.30 -1.56
C ALA A 15 -2.67 -7.81 -1.93
N LEU A 16 -1.49 -8.36 -2.24
CA LEU A 16 -1.28 -9.79 -2.48
C LEU A 16 -0.61 -10.54 -1.30
N ILE A 17 0.23 -9.84 -0.55
CA ILE A 17 0.91 -10.36 0.67
C ILE A 17 -0.01 -10.30 1.91
N ARG A 18 -1.27 -9.91 1.69
CA ARG A 18 -2.29 -9.79 2.73
C ARG A 18 -2.87 -11.18 3.02
N ALA A 19 -3.24 -11.38 4.29
CA ALA A 19 -3.80 -12.65 4.81
C ALA A 19 -2.83 -13.81 4.54
N PHE A 20 -1.62 -13.60 5.06
CA PHE A 20 -0.51 -14.56 4.92
C PHE A 20 0.05 -14.99 6.29
N HIS A 1 -0.30 14.44 -1.42
CA HIS A 1 0.36 15.05 -0.23
C HIS A 1 1.76 14.44 0.03
N GLY A 2 1.76 13.16 0.42
CA GLY A 2 3.00 12.38 0.66
C GLY A 2 2.66 10.95 1.11
N LEU A 3 2.40 10.84 2.41
CA LEU A 3 2.00 9.57 3.05
C LEU A 3 0.63 9.04 2.60
N ALA A 4 -0.30 9.96 2.38
CA ALA A 4 -1.64 9.66 1.83
C ALA A 4 -1.59 8.93 0.47
N SER A 5 -0.46 9.13 -0.22
CA SER A 5 -0.13 8.51 -1.52
C SER A 5 0.86 7.32 -1.35
N THR A 6 1.74 7.39 -0.35
CA THR A 6 2.62 6.26 0.04
C THR A 6 1.85 4.96 0.36
N LEU A 7 0.62 5.16 0.84
CA LEU A 7 -0.34 4.08 1.13
C LEU A 7 -1.26 3.75 -0.05
N THR A 8 -0.97 4.32 -1.21
CA THR A 8 -1.70 4.08 -2.48
C THR A 8 -0.83 3.22 -3.44
N ARG A 9 0.45 3.08 -3.10
CA ARG A 9 1.42 2.24 -3.85
C ARG A 9 1.77 0.94 -3.12
N TRP A 10 2.18 1.05 -1.86
CA TRP A 10 2.43 -0.14 -1.01
C TRP A 10 1.15 -1.01 -0.83
N ALA A 11 0.00 -0.34 -0.88
CA ALA A 11 -1.33 -1.01 -0.87
C ALA A 11 -1.69 -1.74 -2.17
N HIS A 12 -0.76 -1.72 -3.13
CA HIS A 12 -0.83 -2.45 -4.41
C HIS A 12 0.15 -3.64 -4.43
N TYR A 13 1.06 -3.68 -3.45
CA TYR A 13 2.09 -4.73 -3.30
C TYR A 13 1.61 -5.89 -2.42
N ASN A 14 1.54 -5.59 -1.13
CA ASN A 14 1.03 -6.53 -0.11
C ASN A 14 -0.45 -6.90 -0.33
N ALA A 15 -1.13 -6.16 -1.20
CA ALA A 15 -2.50 -6.49 -1.65
C ALA A 15 -2.62 -7.95 -2.14
N LEU A 16 -1.49 -8.49 -2.61
CA LEU A 16 -1.37 -9.89 -3.06
C LEU A 16 -0.61 -10.77 -2.04
N ILE A 17 0.33 -10.18 -1.31
CA ILE A 17 1.11 -10.85 -0.24
C ILE A 17 0.30 -10.95 1.08
N ARG A 18 -0.97 -10.51 1.06
CA ARG A 18 -1.89 -10.45 2.20
C ARG A 18 -1.36 -9.64 3.38
N ALA A 19 -0.52 -10.29 4.20
CA ALA A 19 0.14 -9.77 5.41
C ALA A 19 -0.74 -8.74 6.16
N PHE A 20 -1.93 -9.25 6.46
CA PHE A 20 -3.03 -8.46 7.06
C PHE A 20 -3.29 -8.94 8.50
N HIS A 1 -1.73 15.32 1.59
CA HIS A 1 -1.31 14.80 0.28
C HIS A 1 0.20 14.48 0.21
N GLY A 2 0.51 13.25 0.62
CA GLY A 2 1.90 12.73 0.67
C GLY A 2 1.96 11.30 1.19
N LEU A 3 2.01 11.17 2.50
CA LEU A 3 2.00 9.85 3.17
C LEU A 3 0.69 9.06 2.98
N ALA A 4 -0.43 9.78 2.95
CA ALA A 4 -1.75 9.21 2.58
C ALA A 4 -1.73 8.44 1.24
N SER A 5 -0.81 8.85 0.37
CA SER A 5 -0.56 8.21 -0.94
C SER A 5 0.57 7.17 -0.89
N THR A 6 1.50 7.31 0.06
CA THR A 6 2.58 6.32 0.33
C THR A 6 2.00 4.93 0.69
N LEU A 7 0.81 4.96 1.31
CA LEU A 7 0.05 3.75 1.63
C LEU A 7 -0.81 3.25 0.45
N THR A 8 -0.84 3.99 -0.65
CA THR A 8 -1.62 3.66 -1.86
C THR A 8 -0.74 2.94 -2.91
N ARG A 9 0.57 3.01 -2.71
CA ARG A 9 1.57 2.32 -3.55
C ARG A 9 2.10 1.07 -2.84
N TRP A 10 2.63 1.17 -1.63
CA TRP A 10 3.08 -0.02 -0.87
C TRP A 10 1.95 -1.06 -0.63
N ALA A 11 0.72 -0.54 -0.55
CA ALA A 11 -0.49 -1.39 -0.48
C ALA A 11 -0.85 -2.06 -1.82
N HIS A 12 0.00 -1.95 -2.83
CA HIS A 12 -0.14 -2.68 -4.10
C HIS A 12 0.69 -3.99 -4.09
N TYR A 13 1.66 -4.03 -3.17
CA TYR A 13 2.56 -5.17 -2.95
C TYR A 13 1.93 -6.18 -1.98
N ASN A 14 1.73 -5.73 -0.75
CA ASN A 14 1.00 -6.50 0.28
C ASN A 14 -0.53 -6.55 0.11
N ALA A 15 -1.03 -5.95 -0.98
CA ALA A 15 -2.45 -6.00 -1.39
C ALA A 15 -2.95 -7.45 -1.50
N LEU A 16 -2.12 -8.27 -2.15
CA LEU A 16 -2.41 -9.69 -2.35
C LEU A 16 -1.78 -10.56 -1.24
N ILE A 17 -0.85 -9.96 -0.50
CA ILE A 17 -0.19 -10.61 0.65
C ILE A 17 -1.03 -10.40 1.92
N ARG A 18 -2.27 -9.91 1.78
CA ARG A 18 -3.28 -9.78 2.85
C ARG A 18 -2.68 -9.27 4.19
N ALA A 19 -2.14 -8.07 4.09
CA ALA A 19 -1.45 -7.43 5.22
C ALA A 19 -1.83 -5.96 5.35
N PHE A 20 -1.57 -5.19 4.29
CA PHE A 20 -1.93 -3.75 4.22
C PHE A 20 -1.52 -3.01 5.51
N HIS A 1 -0.84 16.27 0.98
CA HIS A 1 -0.49 15.53 -0.26
C HIS A 1 1.00 15.10 -0.26
N GLY A 2 1.20 13.86 0.21
CA GLY A 2 2.55 13.26 0.32
C GLY A 2 2.47 11.84 0.89
N LEU A 3 2.49 11.76 2.22
CA LEU A 3 2.35 10.48 2.94
C LEU A 3 0.98 9.80 2.74
N ALA A 4 -0.08 10.60 2.63
CA ALA A 4 -1.43 10.12 2.25
C ALA A 4 -1.43 9.29 0.94
N SER A 5 -0.45 9.58 0.08
CA SER A 5 -0.22 8.88 -1.19
C SER A 5 0.83 7.74 -1.06
N THR A 6 1.73 7.85 -0.08
CA THR A 6 2.72 6.79 0.25
C THR A 6 2.03 5.47 0.65
N LEU A 7 0.83 5.62 1.21
CA LEU A 7 -0.07 4.50 1.57
C LEU A 7 -1.04 4.10 0.45
N THR A 8 -0.86 4.66 -0.73
CA THR A 8 -1.64 4.35 -1.95
C THR A 8 -0.78 3.52 -2.94
N ARG A 9 0.52 3.46 -2.67
CA ARG A 9 1.49 2.69 -3.47
C ARG A 9 1.94 1.40 -2.77
N TRP A 10 2.41 1.51 -1.53
CA TRP A 10 2.72 0.33 -0.69
C TRP A 10 1.50 -0.57 -0.45
N ALA A 11 0.31 0.05 -0.46
CA ALA A 11 -0.98 -0.66 -0.39
C ALA A 11 -1.34 -1.45 -1.67
N HIS A 12 -0.47 -1.37 -2.67
CA HIS A 12 -0.56 -2.12 -3.93
C HIS A 12 0.49 -3.23 -4.04
N TYR A 13 1.26 -3.40 -2.96
CA TYR A 13 2.32 -4.41 -2.85
C TYR A 13 1.84 -5.59 -1.99
N ASN A 14 1.57 -5.30 -0.73
CA ASN A 14 0.99 -6.25 0.24
C ASN A 14 -0.46 -6.64 -0.07
N ALA A 15 -1.06 -5.94 -1.03
CA ALA A 15 -2.40 -6.22 -1.58
C ALA A 15 -2.51 -7.65 -2.14
N LEU A 16 -1.38 -8.13 -2.67
CA LEU A 16 -1.26 -9.51 -3.17
C LEU A 16 -0.58 -10.46 -2.16
N ILE A 17 0.21 -9.89 -1.26
CA ILE A 17 0.87 -10.62 -0.15
C ILE A 17 -0.11 -10.86 1.03
N ARG A 18 -1.40 -10.54 0.83
CA ARG A 18 -2.51 -10.66 1.80
C ARG A 18 -2.41 -9.64 2.95
N ALA A 19 -1.25 -9.64 3.61
CA ALA A 19 -0.91 -8.80 4.79
C ALA A 19 -1.90 -9.05 5.94
N PHE A 20 -1.84 -10.28 6.46
CA PHE A 20 -2.80 -10.73 7.48
C PHE A 20 -2.29 -11.91 8.32
N HIS A 1 -0.69 16.90 0.63
CA HIS A 1 -0.53 15.80 -0.33
C HIS A 1 0.94 15.30 -0.43
N GLY A 2 1.14 14.09 0.11
CA GLY A 2 2.48 13.46 0.17
C GLY A 2 2.40 12.06 0.78
N LEU A 3 2.58 12.01 2.10
CA LEU A 3 2.50 10.74 2.87
C LEU A 3 1.11 10.07 2.82
N ALA A 4 0.06 10.91 2.78
CA ALA A 4 -1.33 10.47 2.55
C ALA A 4 -1.50 9.59 1.30
N SER A 5 -0.62 9.80 0.33
CA SER A 5 -0.53 9.01 -0.92
C SER A 5 0.55 7.93 -0.87
N THR A 6 1.54 8.09 0.01
CA THR A 6 2.59 7.08 0.29
C THR A 6 1.98 5.76 0.83
N LEU A 7 0.84 5.89 1.50
CA LEU A 7 -0.01 4.77 1.93
C LEU A 7 -0.92 4.22 0.81
N THR A 8 -0.99 4.93 -0.32
CA THR A 8 -1.81 4.55 -1.48
C THR A 8 -0.99 3.74 -2.50
N ARG A 9 0.34 3.73 -2.35
CA ARG A 9 1.25 2.94 -3.21
C ARG A 9 1.70 1.62 -2.57
N TRP A 10 2.22 1.70 -1.34
CA TRP A 10 2.57 0.51 -0.55
C TRP A 10 1.35 -0.39 -0.26
N ALA A 11 0.17 0.22 -0.23
CA ALA A 11 -1.11 -0.51 -0.13
C ALA A 11 -1.46 -1.35 -1.37
N HIS A 12 -0.64 -1.23 -2.41
CA HIS A 12 -0.75 -2.05 -3.63
C HIS A 12 0.29 -3.19 -3.68
N TYR A 13 0.93 -3.43 -2.54
CA TYR A 13 1.94 -4.48 -2.37
C TYR A 13 1.37 -5.68 -1.60
N ASN A 14 0.83 -5.39 -0.42
CA ASN A 14 0.07 -6.36 0.41
C ASN A 14 -1.14 -6.96 -0.32
N ALA A 15 -1.55 -6.34 -1.42
CA ALA A 15 -2.58 -6.89 -2.32
C ALA A 15 -2.30 -8.35 -2.73
N LEU A 16 -1.01 -8.72 -2.70
CA LEU A 16 -0.55 -10.10 -2.96
C LEU A 16 -0.10 -10.83 -1.67
N ILE A 17 0.39 -10.07 -0.69
CA ILE A 17 0.78 -10.58 0.66
C ILE A 17 -0.45 -10.64 1.60
N ARG A 18 -1.65 -10.52 1.03
CA ARG A 18 -2.94 -10.61 1.71
C ARG A 18 -3.07 -11.96 2.44
N ALA A 19 -3.82 -11.93 3.54
CA ALA A 19 -4.00 -13.10 4.44
C ALA A 19 -2.65 -13.54 5.03
N PHE A 20 -2.15 -12.64 5.88
CA PHE A 20 -0.88 -12.79 6.59
C PHE A 20 -1.07 -12.79 8.12
N HIS A 1 0.46 16.42 0.63
CA HIS A 1 0.53 15.06 0.07
C HIS A 1 1.94 14.47 0.10
N GLY A 2 2.03 13.22 0.59
CA GLY A 2 3.32 12.52 0.73
C GLY A 2 3.13 11.12 1.32
N LEU A 3 3.15 11.06 2.64
CA LEU A 3 2.91 9.80 3.38
C LEU A 3 1.48 9.26 3.20
N ALA A 4 0.51 10.17 3.04
CA ALA A 4 -0.88 9.82 2.69
C ALA A 4 -0.98 9.01 1.38
N SER A 5 0.06 9.12 0.55
CA SER A 5 0.19 8.35 -0.71
C SER A 5 1.16 7.15 -0.56
N THR A 6 2.04 7.18 0.44
CA THR A 6 2.95 6.05 0.79
C THR A 6 2.15 4.77 1.15
N LEU A 7 0.97 4.99 1.72
CA LEU A 7 -0.01 3.92 2.03
C LEU A 7 -0.75 3.40 0.79
N THR A 8 -0.69 4.15 -0.32
CA THR A 8 -1.38 3.83 -1.59
C THR A 8 -0.45 3.02 -2.53
N ARG A 9 0.83 2.98 -2.19
CA ARG A 9 1.84 2.21 -2.94
C ARG A 9 2.25 0.91 -2.25
N TRP A 10 2.64 0.99 -0.97
CA TRP A 10 2.87 -0.22 -0.14
C TRP A 10 1.64 -1.14 -0.09
N ALA A 11 0.44 -0.54 -0.18
CA ALA A 11 -0.84 -1.27 -0.27
C ALA A 11 -1.07 -2.00 -1.60
N HIS A 12 -0.12 -1.87 -2.53
CA HIS A 12 -0.09 -2.58 -3.81
C HIS A 12 1.02 -3.64 -3.86
N TYR A 13 1.58 -3.95 -2.69
CA TYR A 13 2.68 -4.93 -2.54
C TYR A 13 2.22 -6.10 -1.65
N ASN A 14 2.00 -5.79 -0.38
CA ASN A 14 1.40 -6.74 0.59
C ASN A 14 -0.01 -7.16 0.18
N ALA A 15 -0.64 -6.48 -0.78
CA ALA A 15 -1.96 -6.87 -1.32
C ALA A 15 -2.05 -8.36 -1.68
N LEU A 16 -0.88 -8.93 -2.01
CA LEU A 16 -0.70 -10.37 -2.27
C LEU A 16 -0.05 -11.12 -1.10
N ILE A 17 0.81 -10.43 -0.34
CA ILE A 17 1.46 -10.97 0.89
C ILE A 17 0.53 -10.86 2.14
N ARG A 18 -0.74 -10.51 1.90
CA ARG A 18 -1.76 -10.40 2.96
C ARG A 18 -2.76 -11.55 2.90
N ALA A 19 -3.29 -11.79 1.69
CA ALA A 19 -4.34 -12.80 1.42
C ALA A 19 -5.61 -12.52 2.26
N PHE A 20 -6.32 -11.50 1.80
CA PHE A 20 -7.57 -11.02 2.43
C PHE A 20 -8.80 -11.41 1.57
N HIS A 1 -3.05 14.61 -0.74
CA HIS A 1 -2.55 15.45 0.37
C HIS A 1 -1.02 15.37 0.53
N GLY A 2 -0.54 14.14 0.81
CA GLY A 2 0.90 13.82 0.91
C GLY A 2 1.11 12.35 1.29
N LEU A 3 1.19 12.13 2.61
CA LEU A 3 1.33 10.77 3.18
C LEU A 3 0.12 9.86 2.88
N ALA A 4 -1.07 10.45 2.88
CA ALA A 4 -2.31 9.78 2.46
C ALA A 4 -2.20 9.09 1.09
N SER A 5 -1.32 9.64 0.24
CA SER A 5 -1.04 9.10 -1.11
C SER A 5 0.13 8.08 -1.09
N THR A 6 1.14 8.35 -0.28
CA THR A 6 2.26 7.41 -0.01
C THR A 6 1.79 6.05 0.58
N LEU A 7 0.63 6.09 1.24
CA LEU A 7 -0.07 4.91 1.78
C LEU A 7 -1.16 4.36 0.84
N THR A 8 -1.24 4.91 -0.37
CA THR A 8 -2.16 4.47 -1.45
C THR A 8 -1.38 3.68 -2.53
N ARG A 9 -0.05 3.78 -2.49
CA ARG A 9 0.84 3.05 -3.41
C ARG A 9 1.42 1.79 -2.74
N TRP A 10 2.09 1.92 -1.59
CA TRP A 10 2.55 0.75 -0.81
C TRP A 10 1.39 -0.22 -0.44
N ALA A 11 0.19 0.35 -0.29
CA ALA A 11 -1.05 -0.41 -0.09
C ALA A 11 -1.51 -1.23 -1.31
N HIS A 12 -0.80 -1.11 -2.43
CA HIS A 12 -1.03 -1.91 -3.65
C HIS A 12 -0.26 -3.25 -3.59
N TYR A 13 0.81 -3.27 -2.80
CA TYR A 13 1.67 -4.45 -2.56
C TYR A 13 0.93 -5.50 -1.72
N ASN A 14 0.85 -5.21 -0.41
CA ASN A 14 0.14 -6.06 0.57
C ASN A 14 -1.31 -6.33 0.15
N ALA A 15 -1.89 -5.47 -0.69
CA ALA A 15 -3.25 -5.67 -1.22
C ALA A 15 -3.42 -7.07 -1.86
N LEU A 16 -2.40 -7.47 -2.60
CA LEU A 16 -2.32 -8.79 -3.26
C LEU A 16 -1.32 -9.73 -2.56
N ILE A 17 -0.29 -9.16 -1.94
CA ILE A 17 0.72 -9.89 -1.13
C ILE A 17 0.21 -10.11 0.32
N ARG A 18 -1.10 -9.93 0.53
CA ARG A 18 -1.74 -10.16 1.83
C ARG A 18 -1.48 -11.58 2.34
N ALA A 19 -1.39 -11.66 3.67
CA ALA A 19 -1.10 -12.91 4.40
C ALA A 19 0.21 -13.53 3.89
N PHE A 20 1.29 -12.77 4.07
CA PHE A 20 2.64 -13.16 3.61
C PHE A 20 2.68 -13.65 2.14
N HIS A 1 -1.55 14.27 1.53
CA HIS A 1 -0.73 14.62 0.34
C HIS A 1 0.77 14.33 0.54
N GLY A 2 1.03 13.04 0.82
CA GLY A 2 2.39 12.53 1.09
C GLY A 2 2.37 11.02 1.40
N LEU A 3 2.15 10.73 2.68
CA LEU A 3 2.04 9.32 3.16
C LEU A 3 0.83 8.58 2.57
N ALA A 4 -0.27 9.31 2.39
CA ALA A 4 -1.49 8.80 1.72
C ALA A 4 -1.20 8.22 0.32
N SER A 5 -0.15 8.75 -0.31
CA SER A 5 0.38 8.27 -1.61
C SER A 5 1.35 7.09 -1.45
N THR A 6 2.27 7.20 -0.47
CA THR A 6 3.21 6.10 -0.12
C THR A 6 2.51 4.77 0.23
N LEU A 7 1.26 4.90 0.69
CA LEU A 7 0.35 3.77 0.97
C LEU A 7 -0.60 3.44 -0.20
N THR A 8 -0.39 4.05 -1.36
CA THR A 8 -1.11 3.80 -2.62
C THR A 8 -0.24 2.99 -3.60
N ARG A 9 1.06 2.90 -3.30
CA ARG A 9 2.02 2.11 -4.08
C ARG A 9 2.41 0.80 -3.38
N TRP A 10 2.87 0.88 -2.13
CA TRP A 10 3.17 -0.32 -1.32
C TRP A 10 1.94 -1.22 -1.12
N ALA A 11 0.76 -0.58 -1.13
CA ALA A 11 -0.54 -1.28 -1.10
C ALA A 11 -0.95 -1.89 -2.46
N HIS A 12 -0.01 -1.92 -3.40
CA HIS A 12 -0.14 -2.63 -4.68
C HIS A 12 0.90 -3.76 -4.83
N TYR A 13 1.61 -4.04 -3.73
CA TYR A 13 2.61 -5.11 -3.62
C TYR A 13 2.11 -6.24 -2.70
N ASN A 14 2.30 -6.03 -1.39
CA ASN A 14 1.79 -6.93 -0.36
C ASN A 14 0.25 -6.96 -0.33
N ALA A 15 -0.43 -6.09 -1.06
CA ALA A 15 -1.90 -6.18 -1.27
C ALA A 15 -2.39 -7.60 -1.61
N LEU A 16 -1.53 -8.36 -2.29
CA LEU A 16 -1.78 -9.76 -2.63
C LEU A 16 -1.03 -10.75 -1.72
N ILE A 17 0.14 -10.33 -1.21
CA ILE A 17 0.95 -11.10 -0.24
C ILE A 17 0.44 -10.89 1.22
N ARG A 18 -0.73 -10.28 1.36
CA ARG A 18 -1.38 -9.99 2.64
C ARG A 18 -2.32 -11.16 2.99
N ALA A 19 -2.31 -11.51 4.26
CA ALA A 19 -3.15 -12.58 4.80
C ALA A 19 -3.89 -12.08 6.05
N PHE A 20 -4.75 -11.09 5.83
CA PHE A 20 -5.59 -10.46 6.88
C PHE A 20 -6.32 -11.51 7.75
N HIS A 1 -1.57 14.32 -1.13
CA HIS A 1 -1.13 15.08 0.07
C HIS A 1 0.36 14.80 0.41
N GLY A 2 0.65 13.53 0.72
CA GLY A 2 2.01 13.04 1.01
C GLY A 2 2.01 11.55 1.34
N LEU A 3 1.90 11.27 2.64
CA LEU A 3 1.81 9.88 3.16
C LEU A 3 0.57 9.12 2.66
N ALA A 4 -0.53 9.85 2.47
CA ALA A 4 -1.77 9.34 1.87
C ALA A 4 -1.55 8.72 0.47
N SER A 5 -0.49 9.16 -0.20
CA SER A 5 -0.06 8.64 -1.52
C SER A 5 0.95 7.48 -1.36
N THR A 6 1.87 7.62 -0.40
CA THR A 6 2.83 6.54 -0.03
C THR A 6 2.14 5.24 0.41
N LEU A 7 0.91 5.38 0.93
CA LEU A 7 0.04 4.25 1.29
C LEU A 7 -0.85 3.76 0.13
N THR A 8 -0.81 4.46 -1.00
CA THR A 8 -1.59 4.14 -2.23
C THR A 8 -0.75 3.30 -3.22
N ARG A 9 0.55 3.24 -2.97
CA ARG A 9 1.47 2.43 -3.79
C ARG A 9 1.90 1.13 -3.10
N TRP A 10 2.35 1.20 -1.85
CA TRP A 10 2.63 -0.01 -1.05
C TRP A 10 1.37 -0.90 -0.85
N ALA A 11 0.21 -0.25 -0.85
CA ALA A 11 -1.11 -0.93 -0.83
C ALA A 11 -1.49 -1.63 -2.15
N HIS A 12 -0.60 -1.55 -3.13
CA HIS A 12 -0.74 -2.25 -4.42
C HIS A 12 0.30 -3.38 -4.58
N TYR A 13 0.95 -3.71 -3.46
CA TYR A 13 1.98 -4.76 -3.39
C TYR A 13 1.56 -5.88 -2.42
N ASN A 14 1.53 -5.53 -1.13
CA ASN A 14 1.00 -6.40 -0.07
C ASN A 14 -0.47 -6.77 -0.28
N ALA A 15 -1.18 -6.09 -1.18
CA ALA A 15 -2.55 -6.45 -1.58
C ALA A 15 -2.70 -7.93 -1.97
N LEU A 16 -1.58 -8.52 -2.44
CA LEU A 16 -1.47 -9.96 -2.75
C LEU A 16 -0.71 -10.76 -1.66
N ILE A 17 0.23 -10.11 -0.98
CA ILE A 17 1.00 -10.69 0.16
C ILE A 17 0.22 -10.60 1.50
N ARG A 18 -1.05 -10.21 1.42
CA ARG A 18 -1.96 -10.05 2.56
C ARG A 18 -2.65 -11.37 2.89
N ALA A 19 -1.98 -12.09 3.78
CA ALA A 19 -2.43 -13.40 4.30
C ALA A 19 -1.71 -13.77 5.61
N PHE A 20 -1.98 -12.93 6.61
CA PHE A 20 -1.44 -13.11 7.98
C PHE A 20 -2.43 -13.82 8.93
N HIS A 1 -1.37 14.37 -0.99
CA HIS A 1 -0.94 15.04 0.27
C HIS A 1 0.52 14.72 0.65
N GLY A 2 0.78 13.43 0.88
CA GLY A 2 2.12 12.90 1.19
C GLY A 2 2.08 11.39 1.47
N LEU A 3 1.83 11.09 2.74
CA LEU A 3 1.69 9.69 3.22
C LEU A 3 0.47 8.97 2.63
N ALA A 4 -0.61 9.72 2.42
CA ALA A 4 -1.84 9.23 1.76
C ALA A 4 -1.55 8.64 0.36
N SER A 5 -0.47 9.11 -0.25
CA SER A 5 0.02 8.66 -1.57
C SER A 5 1.03 7.51 -1.45
N THR A 6 1.90 7.58 -0.45
CA THR A 6 2.83 6.47 -0.08
C THR A 6 2.10 5.16 0.27
N LEU A 7 0.86 5.31 0.73
CA LEU A 7 -0.07 4.19 1.00
C LEU A 7 -1.03 3.88 -0.17
N THR A 8 -0.78 4.50 -1.32
CA THR A 8 -1.51 4.24 -2.59
C THR A 8 -0.65 3.41 -3.56
N ARG A 9 0.63 3.26 -3.22
CA ARG A 9 1.60 2.45 -3.99
C ARG A 9 1.98 1.14 -3.31
N TRP A 10 2.42 1.22 -2.05
CA TRP A 10 2.70 0.03 -1.22
C TRP A 10 1.45 -0.85 -1.02
N ALA A 11 0.28 -0.20 -1.05
CA ALA A 11 -1.03 -0.87 -1.02
C ALA A 11 -1.44 -1.50 -2.37
N HIS A 12 -0.50 -1.56 -3.30
CA HIS A 12 -0.59 -2.27 -4.59
C HIS A 12 0.39 -3.47 -4.65
N TYR A 13 1.26 -3.55 -3.65
CA TYR A 13 2.32 -4.57 -3.54
C TYR A 13 1.86 -5.73 -2.63
N ASN A 14 1.88 -5.44 -1.33
CA ASN A 14 1.37 -6.36 -0.30
C ASN A 14 -0.15 -6.49 -0.28
N ALA A 15 -0.86 -5.64 -1.04
CA ALA A 15 -2.32 -5.78 -1.26
C ALA A 15 -2.74 -7.21 -1.61
N LEU A 16 -1.83 -7.92 -2.27
CA LEU A 16 -2.01 -9.35 -2.62
C LEU A 16 -1.22 -10.31 -1.73
N ILE A 17 -0.09 -9.84 -1.20
CA ILE A 17 0.74 -10.58 -0.23
C ILE A 17 0.20 -10.41 1.23
N ARG A 18 -1.00 -9.85 1.34
CA ARG A 18 -1.71 -9.64 2.61
C ARG A 18 -2.20 -10.98 3.17
N ALA A 19 -1.63 -11.27 4.32
CA ALA A 19 -1.95 -12.52 5.06
C ALA A 19 -1.86 -12.27 6.56
N PHE A 20 -0.65 -11.93 7.02
CA PHE A 20 -0.37 -11.61 8.45
C PHE A 20 -1.03 -12.65 9.40
#